data_1G2J
# 
_entry.id   1G2J 
# 
_audit_conform.dict_name       mmcif_pdbx.dic 
_audit_conform.dict_version    5.389 
_audit_conform.dict_location   http://mmcif.pdb.org/dictionaries/ascii/mmcif_pdbx.dic 
# 
loop_
_database_2.database_id 
_database_2.database_code 
_database_2.pdbx_database_accession 
_database_2.pdbx_DOI 
PDB   1G2J         pdb_00001g2j 10.2210/pdb1g2j/pdb 
NDB   AR0030       ?            ?                   
RCSB  RCSB012153   ?            ?                   
WWPDB D_1000012153 ?            ?                   
# 
loop_
_pdbx_audit_revision_history.ordinal 
_pdbx_audit_revision_history.data_content_type 
_pdbx_audit_revision_history.major_revision 
_pdbx_audit_revision_history.minor_revision 
_pdbx_audit_revision_history.revision_date 
1 'Structure model' 1 0 2000-12-06 
2 'Structure model' 1 1 2008-04-27 
3 'Structure model' 1 2 2011-07-13 
4 'Structure model' 1 3 2024-02-07 
5 'Structure model' 1 4 2024-04-03 
# 
_pdbx_audit_revision_details.ordinal             1 
_pdbx_audit_revision_details.revision_ordinal    1 
_pdbx_audit_revision_details.data_content_type   'Structure model' 
_pdbx_audit_revision_details.provider            repository 
_pdbx_audit_revision_details.type                'Initial release' 
_pdbx_audit_revision_details.description         ? 
_pdbx_audit_revision_details.details             ? 
# 
loop_
_pdbx_audit_revision_group.ordinal 
_pdbx_audit_revision_group.revision_ordinal 
_pdbx_audit_revision_group.data_content_type 
_pdbx_audit_revision_group.group 
1 2 'Structure model' 'Version format compliance' 
2 3 'Structure model' 'Version format compliance' 
3 4 'Structure model' 'Data collection'           
4 4 'Structure model' 'Database references'       
5 4 'Structure model' 'Derived calculations'      
6 5 'Structure model' 'Refinement description'    
# 
loop_
_pdbx_audit_revision_category.ordinal 
_pdbx_audit_revision_category.revision_ordinal 
_pdbx_audit_revision_category.data_content_type 
_pdbx_audit_revision_category.category 
1 4 'Structure model' chem_comp_atom                
2 4 'Structure model' chem_comp_bond                
3 4 'Structure model' database_2                    
4 4 'Structure model' pdbx_struct_conn_angle        
5 4 'Structure model' struct_conn                   
6 4 'Structure model' struct_site                   
7 5 'Structure model' pdbx_initial_refinement_model 
# 
loop_
_pdbx_audit_revision_item.ordinal 
_pdbx_audit_revision_item.revision_ordinal 
_pdbx_audit_revision_item.data_content_type 
_pdbx_audit_revision_item.item 
1  4 'Structure model' '_database_2.pdbx_DOI'                        
2  4 'Structure model' '_database_2.pdbx_database_accession'         
3  4 'Structure model' '_pdbx_struct_conn_angle.ptnr1_auth_comp_id'  
4  4 'Structure model' '_pdbx_struct_conn_angle.ptnr1_auth_seq_id'   
5  4 'Structure model' '_pdbx_struct_conn_angle.ptnr1_label_asym_id' 
6  4 'Structure model' '_pdbx_struct_conn_angle.ptnr1_label_atom_id' 
7  4 'Structure model' '_pdbx_struct_conn_angle.ptnr1_label_comp_id' 
8  4 'Structure model' '_pdbx_struct_conn_angle.ptnr1_label_seq_id'  
9  4 'Structure model' '_pdbx_struct_conn_angle.ptnr1_symmetry'      
10 4 'Structure model' '_pdbx_struct_conn_angle.ptnr3_auth_comp_id'  
11 4 'Structure model' '_pdbx_struct_conn_angle.ptnr3_auth_seq_id'   
12 4 'Structure model' '_pdbx_struct_conn_angle.ptnr3_label_asym_id' 
13 4 'Structure model' '_pdbx_struct_conn_angle.ptnr3_label_atom_id' 
14 4 'Structure model' '_pdbx_struct_conn_angle.ptnr3_label_comp_id' 
15 4 'Structure model' '_pdbx_struct_conn_angle.ptnr3_label_seq_id'  
16 4 'Structure model' '_pdbx_struct_conn_angle.ptnr3_symmetry'      
17 4 'Structure model' '_pdbx_struct_conn_angle.value'               
18 4 'Structure model' '_struct_conn.pdbx_dist_value'                
19 4 'Structure model' '_struct_conn.pdbx_leaving_atom_flag'         
20 4 'Structure model' '_struct_conn.ptnr1_auth_comp_id'             
21 4 'Structure model' '_struct_conn.ptnr1_auth_seq_id'              
22 4 'Structure model' '_struct_conn.ptnr1_label_asym_id'            
23 4 'Structure model' '_struct_conn.ptnr1_label_atom_id'            
24 4 'Structure model' '_struct_conn.ptnr1_label_comp_id'            
25 4 'Structure model' '_struct_conn.ptnr1_label_seq_id'             
26 4 'Structure model' '_struct_conn.ptnr1_symmetry'                 
27 4 'Structure model' '_struct_conn.ptnr2_auth_comp_id'             
28 4 'Structure model' '_struct_conn.ptnr2_auth_seq_id'              
29 4 'Structure model' '_struct_conn.ptnr2_label_asym_id'            
30 4 'Structure model' '_struct_conn.ptnr2_label_atom_id'            
31 4 'Structure model' '_struct_conn.ptnr2_label_comp_id'            
32 4 'Structure model' '_struct_conn.ptnr2_label_seq_id'             
33 4 'Structure model' '_struct_conn.ptnr2_symmetry'                 
34 4 'Structure model' '_struct_site.pdbx_auth_asym_id'              
35 4 'Structure model' '_struct_site.pdbx_auth_comp_id'              
36 4 'Structure model' '_struct_site.pdbx_auth_seq_id'               
# 
_pdbx_database_status.status_code                     REL 
_pdbx_database_status.entry_id                        1G2J 
_pdbx_database_status.recvd_initial_deposition_date   2000-10-20 
_pdbx_database_status.deposit_site                    NDB 
_pdbx_database_status.process_site                    NDB 
_pdbx_database_status.status_code_sf                  REL 
_pdbx_database_status.SG_entry                        . 
_pdbx_database_status.pdb_format_compatible           Y 
_pdbx_database_status.status_code_mr                  ? 
_pdbx_database_status.status_code_cs                  ? 
_pdbx_database_status.status_code_nmr_data            ? 
_pdbx_database_status.methods_development_category    ? 
# 
loop_
_audit_author.name 
_audit_author.pdbx_ordinal 
'Minasov, G.'        1 
'Matulic-Adamic, J.' 2 
'Wilds, C.J.'        3 
'Haeberli, P.'       4 
'Usman, N.'          5 
'Beigelman, L.'      6 
'Egli, M.'           7 
# 
_citation.id                        primary 
_citation.title                     
'Crystal structure of an RNA duplex containing phenyl-ribonucleotides, hydrophobic isosteres of the natural pyrimidines.' 
_citation.journal_abbrev            RNA 
_citation.journal_volume            6 
_citation.page_first                1516 
_citation.page_last                 1528 
_citation.year                      2000 
_citation.journal_id_ASTM           RNARFU 
_citation.country                   UK 
_citation.journal_id_ISSN           1355-8382 
_citation.journal_id_CSD            2122 
_citation.book_publisher            ? 
_citation.pdbx_database_id_PubMed   11105752 
_citation.pdbx_database_id_DOI      10.1017/S1355838200001114 
# 
loop_
_citation_author.citation_id 
_citation_author.name 
_citation_author.ordinal 
_citation_author.identifier_ORCID 
primary 'Minasov, G.'        1 ? 
primary 'Matulic-Adamic, J.' 2 ? 
primary 'Wilds, C.J.'        3 ? 
primary 'Haeberli, P.'       4 ? 
primary 'Usman, N.'          5 ? 
primary 'Beigelman, L.'      6 ? 
primary 'Egli, M.'           7 ? 
# 
loop_
_entity.id 
_entity.type 
_entity.src_method 
_entity.pdbx_description 
_entity.formula_weight 
_entity.pdbx_number_of_molecules 
_entity.pdbx_ec 
_entity.pdbx_mutation 
_entity.pdbx_fragment 
_entity.details 
1 polymer     syn "5'-R(*CP*CP*CP*(PYY)P*GP*GP*GP*G)-3'" 2523.602 1  ? ? ? ? 
2 non-polymer syn 'CALCIUM ION'                          40.078   2  ? ? ? ? 
3 water       nat water                                  18.015   37 ? ? ? ? 
# 
_entity_poly.entity_id                      1 
_entity_poly.type                           polyribonucleotide 
_entity_poly.nstd_linkage                   no 
_entity_poly.nstd_monomer                   yes 
_entity_poly.pdbx_seq_one_letter_code       'CCC(PYY)GGGG' 
_entity_poly.pdbx_seq_one_letter_code_can   CCCNGGGG 
_entity_poly.pdbx_strand_id                 A 
_entity_poly.pdbx_target_identifier         ? 
# 
loop_
_pdbx_entity_nonpoly.entity_id 
_pdbx_entity_nonpoly.name 
_pdbx_entity_nonpoly.comp_id 
2 'CALCIUM ION' CA  
3 water         HOH 
# 
loop_
_entity_poly_seq.entity_id 
_entity_poly_seq.num 
_entity_poly_seq.mon_id 
_entity_poly_seq.hetero 
1 1 C   n 
1 2 C   n 
1 3 C   n 
1 4 PYY n 
1 5 G   n 
1 6 G   n 
1 7 G   n 
1 8 G   n 
# 
loop_
_chem_comp.id 
_chem_comp.type 
_chem_comp.mon_nstd_flag 
_chem_comp.name 
_chem_comp.pdbx_synonyms 
_chem_comp.formula 
_chem_comp.formula_weight 
C   'RNA linking' y "CYTIDINE-5'-MONOPHOSPHATE"                ? 'C9 H14 N3 O8 P'  323.197 
CA  non-polymer   . 'CALCIUM ION'                              ? 'Ca 2'            40.078  
G   'RNA linking' y "GUANOSINE-5'-MONOPHOSPHATE"               ? 'C10 H14 N5 O8 P' 363.221 
HOH non-polymer   . WATER                                      ? 'H2 O'            18.015  
PYY 'RNA linking' . "D-RIBOFURANOSYL-BENZENE-5'-MONOPHOSPHATE" ? 'C11 H15 O7 P'    290.206 
# 
loop_
_pdbx_poly_seq_scheme.asym_id 
_pdbx_poly_seq_scheme.entity_id 
_pdbx_poly_seq_scheme.seq_id 
_pdbx_poly_seq_scheme.mon_id 
_pdbx_poly_seq_scheme.ndb_seq_num 
_pdbx_poly_seq_scheme.pdb_seq_num 
_pdbx_poly_seq_scheme.auth_seq_num 
_pdbx_poly_seq_scheme.pdb_mon_id 
_pdbx_poly_seq_scheme.auth_mon_id 
_pdbx_poly_seq_scheme.pdb_strand_id 
_pdbx_poly_seq_scheme.pdb_ins_code 
_pdbx_poly_seq_scheme.hetero 
A 1 1 C   1 1 1 C   C   A . n 
A 1 2 C   2 2 2 C   C   A . n 
A 1 3 C   3 3 3 C   C   A . n 
A 1 4 PYY 4 4 4 PYY PYL A . n 
A 1 5 G   5 5 5 G   G   A . n 
A 1 6 G   6 6 6 G   G   A . n 
A 1 7 G   7 7 7 G   G   A . n 
A 1 8 G   8 8 8 G   G   A . n 
# 
loop_
_pdbx_nonpoly_scheme.asym_id 
_pdbx_nonpoly_scheme.entity_id 
_pdbx_nonpoly_scheme.mon_id 
_pdbx_nonpoly_scheme.ndb_seq_num 
_pdbx_nonpoly_scheme.pdb_seq_num 
_pdbx_nonpoly_scheme.auth_seq_num 
_pdbx_nonpoly_scheme.pdb_mon_id 
_pdbx_nonpoly_scheme.auth_mon_id 
_pdbx_nonpoly_scheme.pdb_strand_id 
_pdbx_nonpoly_scheme.pdb_ins_code 
B 2 CA  1  9  9  CA  CA  A . 
C 2 CA  1  14 14 CA  CA  A . 
D 3 HOH 1  10 10 HOH HOH A . 
D 3 HOH 2  11 11 HOH HOH A . 
D 3 HOH 3  12 12 HOH HOH A . 
D 3 HOH 4  13 13 HOH HOH A . 
D 3 HOH 5  15 15 HOH HOH A . 
D 3 HOH 6  16 16 HOH HOH A . 
D 3 HOH 7  17 17 HOH HOH A . 
D 3 HOH 8  18 18 HOH HOH A . 
D 3 HOH 9  19 19 HOH HOH A . 
D 3 HOH 10 20 20 HOH HOH A . 
D 3 HOH 11 21 21 HOH HOH A . 
D 3 HOH 12 22 22 HOH HOH A . 
D 3 HOH 13 23 23 HOH HOH A . 
D 3 HOH 14 24 24 HOH HOH A . 
D 3 HOH 15 25 25 HOH HOH A . 
D 3 HOH 16 26 26 HOH HOH A . 
D 3 HOH 17 27 27 HOH HOH A . 
D 3 HOH 18 28 28 HOH HOH A . 
D 3 HOH 19 29 29 HOH HOH A . 
D 3 HOH 20 30 30 HOH HOH A . 
D 3 HOH 21 31 31 HOH HOH A . 
D 3 HOH 22 32 32 HOH HOH A . 
D 3 HOH 23 33 33 HOH HOH A . 
D 3 HOH 24 34 34 HOH HOH A . 
D 3 HOH 25 35 35 HOH HOH A . 
D 3 HOH 26 36 36 HOH HOH A . 
D 3 HOH 27 37 37 HOH HOH A . 
D 3 HOH 28 38 38 HOH HOH A . 
D 3 HOH 29 39 39 HOH HOH A . 
D 3 HOH 30 40 40 HOH HOH A . 
D 3 HOH 31 41 41 HOH HOH A . 
D 3 HOH 32 42 42 HOH HOH A . 
D 3 HOH 33 43 43 HOH HOH A . 
D 3 HOH 34 44 44 HOH HOH A . 
D 3 HOH 35 45 45 HOH HOH A . 
D 3 HOH 36 46 46 HOH HOH A . 
D 3 HOH 37 47 47 HOH HOH A . 
# 
loop_
_software.name 
_software.classification 
_software.version 
_software.citation_id 
_software.pdbx_ordinal 
AMoRE     phasing          .   ? 1 
CNS       refinement       0.9 ? 2 
DENZO     'data reduction' .   ? 3 
SCALEPACK 'data scaling'   .   ? 4 
# 
_cell.entry_id           1G2J 
_cell.length_a           24.310 
_cell.length_b           24.310 
_cell.length_c           123.790 
_cell.angle_alpha        90.00 
_cell.angle_beta         90.00 
_cell.angle_gamma        120.00 
_cell.Z_PDB              12 
_cell.pdbx_unique_axis   ? 
# 
_symmetry.entry_id                         1G2J 
_symmetry.space_group_name_H-M             'P 61 2 2' 
_symmetry.pdbx_full_space_group_name_H-M   ? 
_symmetry.cell_setting                     ? 
_symmetry.Int_Tables_number                178 
# 
_exptl.entry_id          1G2J 
_exptl.method            'X-RAY DIFFRACTION' 
_exptl.crystals_number   1 
# 
_exptl_crystal.id                    1 
_exptl_crystal.density_meas          ? 
_exptl_crystal.density_Matthews      2.09 
_exptl_crystal.density_percent_sol   41.21 
_exptl_crystal.description           ? 
# 
_exptl_crystal_grow.crystal_id      1 
_exptl_crystal_grow.method          'VAPOR DIFFUSION, HANGING DROP' 
_exptl_crystal_grow.temp            277.0 
_exptl_crystal_grow.temp_details    ? 
_exptl_crystal_grow.pH              6.5 
_exptl_crystal_grow.pdbx_details    
'Oligonucleotide, Calcium Acetate, Sodium Cacodylate, PEG 8000, pH 6.5, VAPOR DIFFUSION, HANGING DROP, temperature 277.0K' 
_exptl_crystal_grow.pdbx_pH_range   ? 
# 
loop_
_exptl_crystal_grow_comp.crystal_id 
_exptl_crystal_grow_comp.id 
_exptl_crystal_grow_comp.sol_id 
_exptl_crystal_grow_comp.name 
_exptl_crystal_grow_comp.volume 
_exptl_crystal_grow_comp.conc 
_exptl_crystal_grow_comp.details 
1 1 1 Oligonucleotide     ? ? ? 
1 2 1 'Calcium Acetate'   ? ? ? 
1 3 1 'Sodium Cacodylate' ? ? ? 
1 4 1 'PEG 8000'          ? ? ? 
# 
_diffrn.id                     1 
_diffrn.ambient_temp           100.0 
_diffrn.ambient_temp_details   ? 
_diffrn.crystal_id             1 
# 
_diffrn_detector.diffrn_id              1 
_diffrn_detector.detector               CCD 
_diffrn_detector.type                   MARRESEARCH 
_diffrn_detector.pdbx_collection_date   2000-03-15 
_diffrn_detector.details                ? 
# 
_diffrn_radiation.diffrn_id                        1 
_diffrn_radiation.wavelength_id                    1 
_diffrn_radiation.pdbx_monochromatic_or_laue_m_l   M 
_diffrn_radiation.monochromator                    ? 
_diffrn_radiation.pdbx_diffrn_protocol             'SINGLE WAVELENGTH' 
_diffrn_radiation.pdbx_scattering_type             x-ray 
# 
_diffrn_radiation_wavelength.id           1 
_diffrn_radiation_wavelength.wavelength   1.0000 
_diffrn_radiation_wavelength.wt           1.0 
# 
_diffrn_source.diffrn_id                   1 
_diffrn_source.source                      SYNCHROTRON 
_diffrn_source.type                        'APS BEAMLINE 5ID-B' 
_diffrn_source.pdbx_synchrotron_site       APS 
_diffrn_source.pdbx_synchrotron_beamline   5ID-B 
_diffrn_source.pdbx_wavelength             ? 
_diffrn_source.pdbx_wavelength_list        1.0000 
# 
_reflns.entry_id                     1G2J 
_reflns.observed_criterion_sigma_I   -3.0 
_reflns.observed_criterion_sigma_F   0.0 
_reflns.d_resolution_low             20.0 
_reflns.d_resolution_high            1.97 
_reflns.number_obs                   1904 
_reflns.number_all                   1904 
_reflns.percent_possible_obs         99.1 
_reflns.pdbx_Rmerge_I_obs            0.0460000 
_reflns.pdbx_Rsym_value              ? 
_reflns.pdbx_netI_over_sigmaI        20.5 
_reflns.B_iso_Wilson_estimate        ? 
_reflns.pdbx_redundancy              13.6 
_reflns.R_free_details               ? 
_reflns.pdbx_diffrn_id               1 
_reflns.pdbx_ordinal                 1 
# 
_reflns_shell.d_res_high             1.97 
_reflns_shell.d_res_low              2.04 
_reflns_shell.percent_possible_all   99.5 
_reflns_shell.Rmerge_I_obs           0.2430000 
_reflns_shell.pdbx_Rsym_value        ? 
_reflns_shell.meanI_over_sigI_obs    17.3 
_reflns_shell.pdbx_redundancy        11.5 
_reflns_shell.percent_possible_obs   ? 
_reflns_shell.number_unique_all      186 
_reflns_shell.pdbx_diffrn_id         ? 
_reflns_shell.pdbx_ordinal           1 
# 
_refine.entry_id                                 1G2J 
_refine.ls_number_reflns_obs                     1736 
_refine.ls_number_reflns_all                     1736 
_refine.pdbx_ls_sigma_I                          0.0 
_refine.pdbx_ls_sigma_F                          0.0 
_refine.pdbx_data_cutoff_high_absF               ? 
_refine.pdbx_data_cutoff_low_absF                ? 
_refine.ls_d_res_low                             20.0 
_refine.ls_d_res_high                            1.97 
_refine.ls_percent_reflns_obs                    95.3 
_refine.ls_R_factor_obs                          ? 
_refine.ls_R_factor_all                          ? 
_refine.ls_R_factor_R_work                       0.2170000 
_refine.ls_R_factor_R_free                       0.2690000 
_refine.ls_R_factor_R_free_error                 ? 
_refine.ls_R_factor_R_free_error_details         ? 
_refine.ls_percent_reflns_R_free                 ? 
_refine.ls_number_reflns_R_free                  185 
_refine.ls_number_parameters                     ? 
_refine.ls_number_restraints                     ? 
_refine.occupancy_min                            ? 
_refine.occupancy_max                            ? 
_refine.B_iso_mean                               ? 
_refine.aniso_B[1][1]                            -17.632 
_refine.aniso_B[2][2]                            -17.632 
_refine.aniso_B[3][3]                            35.264 
_refine.aniso_B[1][2]                            -3.890 
_refine.aniso_B[1][3]                            0.000 
_refine.aniso_B[2][3]                            0.000 
_refine.solvent_model_details                    ? 
_refine.solvent_model_param_ksol                 ? 
_refine.solvent_model_param_bsol                 ? 
_refine.pdbx_ls_cross_valid_method               THROUGHOUT 
_refine.details                                  'Used residual target' 
_refine.pdbx_starting_model                      'RNA tetramer duplex' 
_refine.pdbx_method_to_determine_struct          'MOLECULAR REPLACEMENT' 
_refine.pdbx_isotropic_thermal_model             Isotropic 
_refine.pdbx_stereochemistry_target_values       
'G. Parkinson, J. Vojtechovsky, L. Clowney, A.T. Brunger, H.M. Berman, Acta Cryst. D, 52, 57-64 (1996).' 
_refine.pdbx_stereochem_target_val_spec_case     ? 
_refine.pdbx_R_Free_selection_details            random 
_refine.pdbx_overall_ESU_R_Free                  ? 
_refine.overall_SU_B                             ? 
_refine.ls_redundancy_reflns_obs                 ? 
_refine.overall_SU_ML                            ? 
_refine.pdbx_overall_ESU_R                       ? 
_refine.pdbx_data_cutoff_high_rms_absF           ? 
_refine.pdbx_refine_id                           'X-RAY DIFFRACTION' 
_refine.pdbx_diffrn_id                           1 
_refine.pdbx_TLS_residual_ADP_flag               ? 
_refine.correlation_coeff_Fo_to_Fc               ? 
_refine.correlation_coeff_Fo_to_Fc_free          ? 
_refine.pdbx_solvent_vdw_probe_radii             ? 
_refine.pdbx_solvent_ion_probe_radii             ? 
_refine.pdbx_solvent_shrinkage_radii             ? 
_refine.pdbx_overall_phase_error                 ? 
_refine.overall_SU_R_Cruickshank_DPI             ? 
_refine.pdbx_overall_SU_R_free_Cruickshank_DPI   ? 
_refine.pdbx_overall_SU_R_Blow_DPI               ? 
_refine.pdbx_overall_SU_R_free_Blow_DPI          ? 
# 
_refine_hist.pdbx_refine_id                   'X-RAY DIFFRACTION' 
_refine_hist.cycle_id                         LAST 
_refine_hist.pdbx_number_atoms_protein        0 
_refine_hist.pdbx_number_atoms_nucleic_acid   167 
_refine_hist.pdbx_number_atoms_ligand         2 
_refine_hist.number_atoms_solvent             45 
_refine_hist.number_atoms_total               214 
_refine_hist.d_res_high                       1.97 
_refine_hist.d_res_low                        20.0 
# 
loop_
_refine_ls_restr.type 
_refine_ls_restr.dev_ideal 
_refine_ls_restr.dev_ideal_target 
_refine_ls_restr.weight 
_refine_ls_restr.number 
_refine_ls_restr.pdbx_refine_id 
_refine_ls_restr.pdbx_restraint_function 
c_bond_d           0.009 ? ? ? 'X-RAY DIFFRACTION' ? 
c_angle_deg        1.40  ? ? ? 'X-RAY DIFFRACTION' ? 
c_dihedral_angle_d 29.47 ? ? ? 'X-RAY DIFFRACTION' ? 
c_improper_angle_d 1.94  ? ? ? 'X-RAY DIFFRACTION' ? 
# 
_struct.entry_id                  1G2J 
_struct.title                     'RNA OCTAMER R(CCCP*GGGG) CONTAINING PHENYL RIBONUCLEOTIDE' 
_struct.pdbx_model_details        ? 
_struct.pdbx_CASP_flag            ? 
_struct.pdbx_model_type_details   ? 
# 
_struct_keywords.entry_id        1G2J 
_struct_keywords.pdbx_keywords   RNA 
_struct_keywords.text            'RNA duplex, phenyl-ribonucleotide, RNA' 
# 
loop_
_struct_asym.id 
_struct_asym.pdbx_blank_PDB_chainid_flag 
_struct_asym.pdbx_modified 
_struct_asym.entity_id 
_struct_asym.details 
A N N 1 ? 
B N N 2 ? 
C N N 2 ? 
D N N 3 ? 
# 
_struct_ref.id                         1 
_struct_ref.entity_id                  1 
_struct_ref.db_name                    PDB 
_struct_ref.db_code                    1G2J 
_struct_ref.pdbx_db_accession          1G2J 
_struct_ref.pdbx_db_isoform            ? 
_struct_ref.pdbx_seq_one_letter_code   ? 
_struct_ref.pdbx_align_begin           ? 
# 
_struct_ref_seq.align_id                      1 
_struct_ref_seq.ref_id                        1 
_struct_ref_seq.pdbx_PDB_id_code              1G2J 
_struct_ref_seq.pdbx_strand_id                A 
_struct_ref_seq.seq_align_beg                 1 
_struct_ref_seq.pdbx_seq_align_beg_ins_code   ? 
_struct_ref_seq.seq_align_end                 8 
_struct_ref_seq.pdbx_seq_align_end_ins_code   ? 
_struct_ref_seq.pdbx_db_accession             1G2J 
_struct_ref_seq.db_align_beg                  1 
_struct_ref_seq.pdbx_db_align_beg_ins_code    ? 
_struct_ref_seq.db_align_end                  8 
_struct_ref_seq.pdbx_db_align_end_ins_code    ? 
_struct_ref_seq.pdbx_auth_seq_align_beg       1 
_struct_ref_seq.pdbx_auth_seq_align_end       8 
# 
_pdbx_struct_assembly.id                   1 
_pdbx_struct_assembly.details              author_defined_assembly 
_pdbx_struct_assembly.method_details       ? 
_pdbx_struct_assembly.oligomeric_details   dimeric 
_pdbx_struct_assembly.oligomeric_count     2 
# 
_pdbx_struct_assembly_gen.assembly_id       1 
_pdbx_struct_assembly_gen.oper_expression   1,2 
_pdbx_struct_assembly_gen.asym_id_list      A,B,C,D 
# 
loop_
_pdbx_struct_oper_list.id 
_pdbx_struct_oper_list.type 
_pdbx_struct_oper_list.name 
_pdbx_struct_oper_list.symmetry_operation 
_pdbx_struct_oper_list.matrix[1][1] 
_pdbx_struct_oper_list.matrix[1][2] 
_pdbx_struct_oper_list.matrix[1][3] 
_pdbx_struct_oper_list.vector[1] 
_pdbx_struct_oper_list.matrix[2][1] 
_pdbx_struct_oper_list.matrix[2][2] 
_pdbx_struct_oper_list.matrix[2][3] 
_pdbx_struct_oper_list.vector[2] 
_pdbx_struct_oper_list.matrix[3][1] 
_pdbx_struct_oper_list.matrix[3][2] 
_pdbx_struct_oper_list.matrix[3][3] 
_pdbx_struct_oper_list.vector[3] 
1 'identity operation'         1_555  x,y,z          1.0000000000  0.0000000000 0.0000000000  0.0000000000  0.0000000000 1.0000000000  0.0000000000  0.0000000000 0.0000000000  0.0000000000  1.0000000000  0.0000000000  
2 'crystal symmetry operation' 12_565 x,x-y+1,-z+1/6 -0.0805446871 0.9384789642 -0.3358121308 -5.7991567187 0.9384789642 -0.0421037828 -0.3427601279 4.2393573102 -0.3358121308 -0.3427601279 -0.8773515302 -4.0305804170 
# 
_struct_biol.id                    1 
_struct_biol.pdbx_parent_biol_id   ? 
_struct_biol.details               ? 
# 
loop_
_struct_conn.id 
_struct_conn.conn_type_id 
_struct_conn.pdbx_leaving_atom_flag 
_struct_conn.pdbx_PDB_id 
_struct_conn.ptnr1_label_asym_id 
_struct_conn.ptnr1_label_comp_id 
_struct_conn.ptnr1_label_seq_id 
_struct_conn.ptnr1_label_atom_id 
_struct_conn.pdbx_ptnr1_label_alt_id 
_struct_conn.pdbx_ptnr1_PDB_ins_code 
_struct_conn.pdbx_ptnr1_standard_comp_id 
_struct_conn.ptnr1_symmetry 
_struct_conn.ptnr2_label_asym_id 
_struct_conn.ptnr2_label_comp_id 
_struct_conn.ptnr2_label_seq_id 
_struct_conn.ptnr2_label_atom_id 
_struct_conn.pdbx_ptnr2_label_alt_id 
_struct_conn.pdbx_ptnr2_PDB_ins_code 
_struct_conn.ptnr1_auth_asym_id 
_struct_conn.ptnr1_auth_comp_id 
_struct_conn.ptnr1_auth_seq_id 
_struct_conn.ptnr2_auth_asym_id 
_struct_conn.ptnr2_auth_comp_id 
_struct_conn.ptnr2_auth_seq_id 
_struct_conn.ptnr2_symmetry 
_struct_conn.pdbx_ptnr3_label_atom_id 
_struct_conn.pdbx_ptnr3_label_seq_id 
_struct_conn.pdbx_ptnr3_label_comp_id 
_struct_conn.pdbx_ptnr3_label_asym_id 
_struct_conn.pdbx_ptnr3_label_alt_id 
_struct_conn.pdbx_ptnr3_PDB_ins_code 
_struct_conn.details 
_struct_conn.pdbx_dist_value 
_struct_conn.pdbx_value_order 
_struct_conn.pdbx_role 
covale1  covale both ? A C   3 "O3'" ? ? ? 1_555 A PYY 4 P  ? ? A C   3  A PYY 4  1_555  ? ? ? ? ? ? ?            1.606 ? ? 
covale2  covale both ? A PYY 4 "O3'" ? ? ? 1_555 A G   5 P  ? ? A PYY 4  A G   5  1_555  ? ? ? ? ? ? ?            1.603 ? ? 
metalc1  metalc ?    ? A PYY 4 O1P   ? ? ? 1_565 B CA  . CA ? ? A PYY 4  A CA  9  1_555  ? ? ? ? ? ? ?            2.580 ? ? 
metalc2  metalc ?    ? A G   8 "O3'" ? ? ? 1_555 B CA  . CA ? ? A G   8  A CA  9  1_555  ? ? ? ? ? ? ?            2.284 ? ? 
metalc3  metalc ?    ? A G   8 "O2'" ? ? ? 1_555 B CA  . CA ? ? A G   8  A CA  9  1_555  ? ? ? ? ? ? ?            2.543 ? ? 
metalc4  metalc ?    ? A G   8 OP1   ? ? ? 1_555 C CA  . CA ? ? A G   8  A CA  14 1_555  ? ? ? ? ? ? ?            2.366 ? ? 
metalc5  metalc ?    ? A G   8 OP1   ? ? ? 8_675 C CA  . CA ? ? A G   8  A CA  14 1_555  ? ? ? ? ? ? ?            2.361 ? ? 
metalc6  metalc ?    ? B CA  . CA    ? ? ? 1_555 D HOH . O  ? ? A CA  9  A HOH 10 1_555  ? ? ? ? ? ? ?            2.419 ? ? 
metalc7  metalc ?    ? B CA  . CA    ? ? ? 1_555 D HOH . O  ? ? A CA  9  A HOH 11 1_555  ? ? ? ? ? ? ?            2.332 ? ? 
metalc8  metalc ?    ? B CA  . CA    ? ? ? 1_555 D HOH . O  ? ? A CA  9  A HOH 12 1_555  ? ? ? ? ? ? ?            2.593 ? ? 
metalc9  metalc ?    ? B CA  . CA    ? ? ? 1_555 D HOH . O  ? ? A CA  9  A HOH 13 1_555  ? ? ? ? ? ? ?            2.463 ? ? 
metalc10 metalc ?    ? C CA  . CA    ? ? ? 1_555 D HOH . O  ? ? A CA  14 A HOH 15 1_555  ? ? ? ? ? ? ?            2.653 ? ? 
metalc11 metalc ?    ? C CA  . CA    ? ? ? 1_555 D HOH . O  ? ? A CA  14 A HOH 15 8_675  ? ? ? ? ? ? ?            2.647 ? ? 
metalc12 metalc ?    ? C CA  . CA    ? ? ? 1_555 D HOH . O  ? ? A CA  14 A HOH 16 1_555  ? ? ? ? ? ? ?            2.272 ? ? 
metalc13 metalc ?    ? C CA  . CA    ? ? ? 1_555 D HOH . O  ? ? A CA  14 A HOH 16 8_675  ? ? ? ? ? ? ?            2.274 ? ? 
hydrog1  hydrog ?    ? A C   1 N3    ? ? ? 1_555 A G   7 N1 ? ? A C   1  A G   7  12_565 ? ? ? ? ? ? WATSON-CRICK ?     ? ? 
hydrog2  hydrog ?    ? A C   1 N4    ? ? ? 1_555 A G   7 O6 ? ? A C   1  A G   7  12_565 ? ? ? ? ? ? WATSON-CRICK ?     ? ? 
hydrog3  hydrog ?    ? A C   1 O2    ? ? ? 1_555 A G   7 N2 ? ? A C   1  A G   7  12_565 ? ? ? ? ? ? WATSON-CRICK ?     ? ? 
hydrog4  hydrog ?    ? A C   2 N3    ? ? ? 1_555 A G   6 N1 ? ? A C   2  A G   6  12_565 ? ? ? ? ? ? WATSON-CRICK ?     ? ? 
hydrog5  hydrog ?    ? A C   2 N4    ? ? ? 1_555 A G   6 O6 ? ? A C   2  A G   6  12_565 ? ? ? ? ? ? WATSON-CRICK ?     ? ? 
hydrog6  hydrog ?    ? A C   2 O2    ? ? ? 1_555 A G   6 N2 ? ? A C   2  A G   6  12_565 ? ? ? ? ? ? WATSON-CRICK ?     ? ? 
hydrog7  hydrog ?    ? A C   3 N3    ? ? ? 1_555 A G   5 N1 ? ? A C   3  A G   5  12_565 ? ? ? ? ? ? WATSON-CRICK ?     ? ? 
hydrog8  hydrog ?    ? A C   3 N4    ? ? ? 1_555 A G   5 O6 ? ? A C   3  A G   5  12_565 ? ? ? ? ? ? WATSON-CRICK ?     ? ? 
hydrog9  hydrog ?    ? A C   3 O2    ? ? ? 1_555 A G   5 N2 ? ? A C   3  A G   5  12_565 ? ? ? ? ? ? WATSON-CRICK ?     ? ? 
hydrog10 hydrog ?    ? A G   5 N1    ? ? ? 1_555 A C   3 N3 ? ? A G   5  A C   3  12_565 ? ? ? ? ? ? WATSON-CRICK ?     ? ? 
hydrog11 hydrog ?    ? A G   5 N2    ? ? ? 1_555 A C   3 O2 ? ? A G   5  A C   3  12_565 ? ? ? ? ? ? WATSON-CRICK ?     ? ? 
hydrog12 hydrog ?    ? A G   5 O6    ? ? ? 1_555 A C   3 N4 ? ? A G   5  A C   3  12_565 ? ? ? ? ? ? WATSON-CRICK ?     ? ? 
hydrog13 hydrog ?    ? A G   6 N1    ? ? ? 1_555 A C   2 N3 ? ? A G   6  A C   2  12_565 ? ? ? ? ? ? WATSON-CRICK ?     ? ? 
hydrog14 hydrog ?    ? A G   6 N2    ? ? ? 1_555 A C   2 O2 ? ? A G   6  A C   2  12_565 ? ? ? ? ? ? WATSON-CRICK ?     ? ? 
hydrog15 hydrog ?    ? A G   6 O6    ? ? ? 1_555 A C   2 N4 ? ? A G   6  A C   2  12_565 ? ? ? ? ? ? WATSON-CRICK ?     ? ? 
hydrog16 hydrog ?    ? A G   7 N1    ? ? ? 1_555 A C   1 N3 ? ? A G   7  A C   1  12_565 ? ? ? ? ? ? WATSON-CRICK ?     ? ? 
hydrog17 hydrog ?    ? A G   7 N2    ? ? ? 1_555 A C   1 O2 ? ? A G   7  A C   1  12_565 ? ? ? ? ? ? WATSON-CRICK ?     ? ? 
hydrog18 hydrog ?    ? A G   7 O6    ? ? ? 1_555 A C   1 N4 ? ? A G   7  A C   1  12_565 ? ? ? ? ? ? WATSON-CRICK ?     ? ? 
# 
loop_
_struct_conn_type.id 
_struct_conn_type.criteria 
_struct_conn_type.reference 
covale ? ? 
metalc ? ? 
hydrog ? ? 
# 
loop_
_pdbx_struct_conn_angle.id 
_pdbx_struct_conn_angle.ptnr1_label_atom_id 
_pdbx_struct_conn_angle.ptnr1_label_alt_id 
_pdbx_struct_conn_angle.ptnr1_label_asym_id 
_pdbx_struct_conn_angle.ptnr1_label_comp_id 
_pdbx_struct_conn_angle.ptnr1_label_seq_id 
_pdbx_struct_conn_angle.ptnr1_auth_atom_id 
_pdbx_struct_conn_angle.ptnr1_auth_asym_id 
_pdbx_struct_conn_angle.ptnr1_auth_comp_id 
_pdbx_struct_conn_angle.ptnr1_auth_seq_id 
_pdbx_struct_conn_angle.ptnr1_PDB_ins_code 
_pdbx_struct_conn_angle.ptnr1_symmetry 
_pdbx_struct_conn_angle.ptnr2_label_atom_id 
_pdbx_struct_conn_angle.ptnr2_label_alt_id 
_pdbx_struct_conn_angle.ptnr2_label_asym_id 
_pdbx_struct_conn_angle.ptnr2_label_comp_id 
_pdbx_struct_conn_angle.ptnr2_label_seq_id 
_pdbx_struct_conn_angle.ptnr2_auth_atom_id 
_pdbx_struct_conn_angle.ptnr2_auth_asym_id 
_pdbx_struct_conn_angle.ptnr2_auth_comp_id 
_pdbx_struct_conn_angle.ptnr2_auth_seq_id 
_pdbx_struct_conn_angle.ptnr2_PDB_ins_code 
_pdbx_struct_conn_angle.ptnr2_symmetry 
_pdbx_struct_conn_angle.ptnr3_label_atom_id 
_pdbx_struct_conn_angle.ptnr3_label_alt_id 
_pdbx_struct_conn_angle.ptnr3_label_asym_id 
_pdbx_struct_conn_angle.ptnr3_label_comp_id 
_pdbx_struct_conn_angle.ptnr3_label_seq_id 
_pdbx_struct_conn_angle.ptnr3_auth_atom_id 
_pdbx_struct_conn_angle.ptnr3_auth_asym_id 
_pdbx_struct_conn_angle.ptnr3_auth_comp_id 
_pdbx_struct_conn_angle.ptnr3_auth_seq_id 
_pdbx_struct_conn_angle.ptnr3_PDB_ins_code 
_pdbx_struct_conn_angle.ptnr3_symmetry 
_pdbx_struct_conn_angle.value 
_pdbx_struct_conn_angle.value_esd 
1  O1P   ? A PYY 4 ? A PYY 4  ? 1_565 CA ? B CA . ? A CA 9  ? 1_555 "O3'" ? A G   8 ? A G   8  ? 1_555 88.9  ? 
2  O1P   ? A PYY 4 ? A PYY 4  ? 1_565 CA ? B CA . ? A CA 9  ? 1_555 "O2'" ? A G   8 ? A G   8  ? 1_555 113.7 ? 
3  "O3'" ? A G   8 ? A G   8  ? 1_555 CA ? B CA . ? A CA 9  ? 1_555 "O2'" ? A G   8 ? A G   8  ? 1_555 71.2  ? 
4  O1P   ? A PYY 4 ? A PYY 4  ? 1_565 CA ? B CA . ? A CA 9  ? 1_555 O     ? D HOH . ? A HOH 10 ? 1_555 166.9 ? 
5  "O3'" ? A G   8 ? A G   8  ? 1_555 CA ? B CA . ? A CA 9  ? 1_555 O     ? D HOH . ? A HOH 10 ? 1_555 82.0  ? 
6  "O2'" ? A G   8 ? A G   8  ? 1_555 CA ? B CA . ? A CA 9  ? 1_555 O     ? D HOH . ? A HOH 10 ? 1_555 72.2  ? 
7  O1P   ? A PYY 4 ? A PYY 4  ? 1_565 CA ? B CA . ? A CA 9  ? 1_555 O     ? D HOH . ? A HOH 11 ? 1_555 92.7  ? 
8  "O3'" ? A G   8 ? A G   8  ? 1_555 CA ? B CA . ? A CA 9  ? 1_555 O     ? D HOH . ? A HOH 11 ? 1_555 145.9 ? 
9  "O2'" ? A G   8 ? A G   8  ? 1_555 CA ? B CA . ? A CA 9  ? 1_555 O     ? D HOH . ? A HOH 11 ? 1_555 137.0 ? 
10 O     ? D HOH . ? A HOH 10 ? 1_555 CA ? B CA . ? A CA 9  ? 1_555 O     ? D HOH . ? A HOH 11 ? 1_555 89.7  ? 
11 O1P   ? A PYY 4 ? A PYY 4  ? 1_565 CA ? B CA . ? A CA 9  ? 1_555 O     ? D HOH . ? A HOH 12 ? 1_555 100.8 ? 
12 "O3'" ? A G   8 ? A G   8  ? 1_555 CA ? B CA . ? A CA 9  ? 1_555 O     ? D HOH . ? A HOH 12 ? 1_555 137.9 ? 
13 "O2'" ? A G   8 ? A G   8  ? 1_555 CA ? B CA . ? A CA 9  ? 1_555 O     ? D HOH . ? A HOH 12 ? 1_555 67.4  ? 
14 O     ? D HOH . ? A HOH 10 ? 1_555 CA ? B CA . ? A CA 9  ? 1_555 O     ? D HOH . ? A HOH 12 ? 1_555 92.3  ? 
15 O     ? D HOH . ? A HOH 11 ? 1_555 CA ? B CA . ? A CA 9  ? 1_555 O     ? D HOH . ? A HOH 12 ? 1_555 75.0  ? 
16 O1P   ? A PYY 4 ? A PYY 4  ? 1_565 CA ? B CA . ? A CA 9  ? 1_555 O     ? D HOH . ? A HOH 13 ? 1_555 84.9  ? 
17 "O3'" ? A G   8 ? A G   8  ? 1_555 CA ? B CA . ? A CA 9  ? 1_555 O     ? D HOH . ? A HOH 13 ? 1_555 76.6  ? 
18 "O2'" ? A G   8 ? A G   8  ? 1_555 CA ? B CA . ? A CA 9  ? 1_555 O     ? D HOH . ? A HOH 13 ? 1_555 141.9 ? 
19 O     ? D HOH . ? A HOH 10 ? 1_555 CA ? B CA . ? A CA 9  ? 1_555 O     ? D HOH . ? A HOH 13 ? 1_555 83.8  ? 
20 O     ? D HOH . ? A HOH 11 ? 1_555 CA ? B CA . ? A CA 9  ? 1_555 O     ? D HOH . ? A HOH 13 ? 1_555 69.7  ? 
21 O     ? D HOH . ? A HOH 12 ? 1_555 CA ? B CA . ? A CA 9  ? 1_555 O     ? D HOH . ? A HOH 13 ? 1_555 144.5 ? 
22 OP1   ? A G   8 ? A G   8  ? 1_555 CA ? C CA . ? A CA 14 ? 1_555 OP1   ? A G   8 ? A G   8  ? 8_675 82.5  ? 
23 OP1   ? A G   8 ? A G   8  ? 1_555 CA ? C CA . ? A CA 14 ? 1_555 O     ? D HOH . ? A HOH 15 ? 1_555 91.4  ? 
24 OP1   ? A G   8 ? A G   8  ? 8_675 CA ? C CA . ? A CA 14 ? 1_555 O     ? D HOH . ? A HOH 15 ? 1_555 173.2 ? 
25 OP1   ? A G   8 ? A G   8  ? 1_555 CA ? C CA . ? A CA 14 ? 1_555 O     ? D HOH . ? A HOH 15 ? 8_675 173.4 ? 
26 OP1   ? A G   8 ? A G   8  ? 8_675 CA ? C CA . ? A CA 14 ? 1_555 O     ? D HOH . ? A HOH 15 ? 8_675 91.7  ? 
27 O     ? D HOH . ? A HOH 15 ? 1_555 CA ? C CA . ? A CA 14 ? 1_555 O     ? D HOH . ? A HOH 15 ? 8_675 94.5  ? 
28 OP1   ? A G   8 ? A G   8  ? 1_555 CA ? C CA . ? A CA 14 ? 1_555 O     ? D HOH . ? A HOH 16 ? 1_555 92.5  ? 
29 OP1   ? A G   8 ? A G   8  ? 8_675 CA ? C CA . ? A CA 14 ? 1_555 O     ? D HOH . ? A HOH 16 ? 1_555 91.4  ? 
30 O     ? D HOH . ? A HOH 15 ? 1_555 CA ? C CA . ? A CA 14 ? 1_555 O     ? D HOH . ? A HOH 16 ? 1_555 85.9  ? 
31 O     ? D HOH . ? A HOH 15 ? 8_675 CA ? C CA . ? A CA 14 ? 1_555 O     ? D HOH . ? A HOH 16 ? 1_555 90.7  ? 
32 OP1   ? A G   8 ? A G   8  ? 1_555 CA ? C CA . ? A CA 14 ? 1_555 O     ? D HOH . ? A HOH 16 ? 8_675 91.2  ? 
33 OP1   ? A G   8 ? A G   8  ? 8_675 CA ? C CA . ? A CA 14 ? 1_555 O     ? D HOH . ? A HOH 16 ? 8_675 92.6  ? 
34 O     ? D HOH . ? A HOH 15 ? 1_555 CA ? C CA . ? A CA 14 ? 1_555 O     ? D HOH . ? A HOH 16 ? 8_675 90.5  ? 
35 O     ? D HOH . ? A HOH 15 ? 8_675 CA ? C CA . ? A CA 14 ? 1_555 O     ? D HOH . ? A HOH 16 ? 8_675 86.0  ? 
36 O     ? D HOH . ? A HOH 16 ? 1_555 CA ? C CA . ? A CA 14 ? 1_555 O     ? D HOH . ? A HOH 16 ? 8_675 174.9 ? 
# 
loop_
_struct_site.id 
_struct_site.pdbx_evidence_code 
_struct_site.pdbx_auth_asym_id 
_struct_site.pdbx_auth_comp_id 
_struct_site.pdbx_auth_seq_id 
_struct_site.pdbx_auth_ins_code 
_struct_site.pdbx_num_residues 
_struct_site.details 
AC1 Software A CA 9  ? 6 'BINDING SITE FOR RESIDUE CA A 9'  
AC2 Software A CA 14 ? 6 'BINDING SITE FOR RESIDUE CA A 14' 
# 
loop_
_struct_site_gen.id 
_struct_site_gen.site_id 
_struct_site_gen.pdbx_num_res 
_struct_site_gen.label_comp_id 
_struct_site_gen.label_asym_id 
_struct_site_gen.label_seq_id 
_struct_site_gen.pdbx_auth_ins_code 
_struct_site_gen.auth_comp_id 
_struct_site_gen.auth_asym_id 
_struct_site_gen.auth_seq_id 
_struct_site_gen.label_atom_id 
_struct_site_gen.label_alt_id 
_struct_site_gen.symmetry 
_struct_site_gen.details 
1  AC1 6 PYY A 4 ? PYY A 4  . ? 1_565 ? 
2  AC1 6 G   A 8 ? G   A 8  . ? 1_555 ? 
3  AC1 6 HOH D . ? HOH A 10 . ? 1_555 ? 
4  AC1 6 HOH D . ? HOH A 11 . ? 1_555 ? 
5  AC1 6 HOH D . ? HOH A 12 . ? 1_555 ? 
6  AC1 6 HOH D . ? HOH A 13 . ? 1_555 ? 
7  AC2 6 G   A 8 ? G   A 8  . ? 1_555 ? 
8  AC2 6 G   A 8 ? G   A 8  . ? 8_675 ? 
9  AC2 6 HOH D . ? HOH A 15 . ? 8_675 ? 
10 AC2 6 HOH D . ? HOH A 15 . ? 1_555 ? 
11 AC2 6 HOH D . ? HOH A 16 . ? 8_675 ? 
12 AC2 6 HOH D . ? HOH A 16 . ? 1_555 ? 
# 
_pdbx_validate_planes.id              1 
_pdbx_validate_planes.PDB_model_num   1 
_pdbx_validate_planes.auth_comp_id    G 
_pdbx_validate_planes.auth_asym_id    A 
_pdbx_validate_planes.auth_seq_id     7 
_pdbx_validate_planes.PDB_ins_code    ? 
_pdbx_validate_planes.label_alt_id    ? 
_pdbx_validate_planes.rmsd            0.051 
_pdbx_validate_planes.type            'SIDE CHAIN' 
# 
_pdbx_struct_special_symmetry.id              1 
_pdbx_struct_special_symmetry.PDB_model_num   1 
_pdbx_struct_special_symmetry.auth_asym_id    A 
_pdbx_struct_special_symmetry.auth_comp_id    CA 
_pdbx_struct_special_symmetry.auth_seq_id     14 
_pdbx_struct_special_symmetry.PDB_ins_code    ? 
_pdbx_struct_special_symmetry.label_asym_id   C 
_pdbx_struct_special_symmetry.label_comp_id   CA 
_pdbx_struct_special_symmetry.label_seq_id    . 
# 
loop_
_chem_comp_atom.comp_id 
_chem_comp_atom.atom_id 
_chem_comp_atom.type_symbol 
_chem_comp_atom.pdbx_aromatic_flag 
_chem_comp_atom.pdbx_stereo_config 
_chem_comp_atom.pdbx_ordinal 
C   OP3    O  N N 1   
C   P      P  N N 2   
C   OP1    O  N N 3   
C   OP2    O  N N 4   
C   "O5'"  O  N N 5   
C   "C5'"  C  N N 6   
C   "C4'"  C  N R 7   
C   "O4'"  O  N N 8   
C   "C3'"  C  N S 9   
C   "O3'"  O  N N 10  
C   "C2'"  C  N R 11  
C   "O2'"  O  N N 12  
C   "C1'"  C  N R 13  
C   N1     N  N N 14  
C   C2     C  N N 15  
C   O2     O  N N 16  
C   N3     N  N N 17  
C   C4     C  N N 18  
C   N4     N  N N 19  
C   C5     C  N N 20  
C   C6     C  N N 21  
C   HOP3   H  N N 22  
C   HOP2   H  N N 23  
C   "H5'"  H  N N 24  
C   "H5''" H  N N 25  
C   "H4'"  H  N N 26  
C   "H3'"  H  N N 27  
C   "HO3'" H  N N 28  
C   "H2'"  H  N N 29  
C   "HO2'" H  N N 30  
C   "H1'"  H  N N 31  
C   H41    H  N N 32  
C   H42    H  N N 33  
C   H5     H  N N 34  
C   H6     H  N N 35  
CA  CA     CA N N 36  
G   OP3    O  N N 37  
G   P      P  N N 38  
G   OP1    O  N N 39  
G   OP2    O  N N 40  
G   "O5'"  O  N N 41  
G   "C5'"  C  N N 42  
G   "C4'"  C  N R 43  
G   "O4'"  O  N N 44  
G   "C3'"  C  N S 45  
G   "O3'"  O  N N 46  
G   "C2'"  C  N R 47  
G   "O2'"  O  N N 48  
G   "C1'"  C  N R 49  
G   N9     N  Y N 50  
G   C8     C  Y N 51  
G   N7     N  Y N 52  
G   C5     C  Y N 53  
G   C6     C  N N 54  
G   O6     O  N N 55  
G   N1     N  N N 56  
G   C2     C  N N 57  
G   N2     N  N N 58  
G   N3     N  N N 59  
G   C4     C  Y N 60  
G   HOP3   H  N N 61  
G   HOP2   H  N N 62  
G   "H5'"  H  N N 63  
G   "H5''" H  N N 64  
G   "H4'"  H  N N 65  
G   "H3'"  H  N N 66  
G   "HO3'" H  N N 67  
G   "H2'"  H  N N 68  
G   "HO2'" H  N N 69  
G   "H1'"  H  N N 70  
G   H8     H  N N 71  
G   H1     H  N N 72  
G   H21    H  N N 73  
G   H22    H  N N 74  
HOH O      O  N N 75  
HOH H1     H  N N 76  
HOH H2     H  N N 77  
PYY P      P  N N 78  
PYY O1P    O  N N 79  
PYY O2P    O  N N 80  
PYY "O5'"  O  N N 81  
PYY "C5'"  C  N N 82  
PYY "C4'"  C  N R 83  
PYY "O4'"  O  N N 84  
PYY "C1'"  C  N S 85  
PYY C1     C  Y N 86  
PYY C6     C  Y N 87  
PYY C2     C  Y N 88  
PYY C3     C  Y N 89  
PYY C4     C  Y N 90  
PYY C5     C  Y N 91  
PYY "C2'"  C  N R 92  
PYY "O2'"  O  N N 93  
PYY "C3'"  C  N S 94  
PYY "O3'"  O  N N 95  
PYY O3P    O  N N 96  
PYY HOP2   H  N N 97  
PYY "H5'1" H  N N 98  
PYY "H5'2" H  N N 99  
PYY "H4'"  H  N N 100 
PYY "H1'"  H  N N 101 
PYY H6     H  N N 102 
PYY H2     H  N N 103 
PYY H3     H  N N 104 
PYY H4     H  N N 105 
PYY H5     H  N N 106 
PYY "H2'"  H  N N 107 
PYY "HO'2" H  N N 108 
PYY "H3'"  H  N N 109 
PYY H3T    H  N N 110 
PYY HOP3   H  N N 111 
# 
loop_
_chem_comp_bond.comp_id 
_chem_comp_bond.atom_id_1 
_chem_comp_bond.atom_id_2 
_chem_comp_bond.value_order 
_chem_comp_bond.pdbx_aromatic_flag 
_chem_comp_bond.pdbx_stereo_config 
_chem_comp_bond.pdbx_ordinal 
C   OP3   P      sing N N 1   
C   OP3   HOP3   sing N N 2   
C   P     OP1    doub N N 3   
C   P     OP2    sing N N 4   
C   P     "O5'"  sing N N 5   
C   OP2   HOP2   sing N N 6   
C   "O5'" "C5'"  sing N N 7   
C   "C5'" "C4'"  sing N N 8   
C   "C5'" "H5'"  sing N N 9   
C   "C5'" "H5''" sing N N 10  
C   "C4'" "O4'"  sing N N 11  
C   "C4'" "C3'"  sing N N 12  
C   "C4'" "H4'"  sing N N 13  
C   "O4'" "C1'"  sing N N 14  
C   "C3'" "O3'"  sing N N 15  
C   "C3'" "C2'"  sing N N 16  
C   "C3'" "H3'"  sing N N 17  
C   "O3'" "HO3'" sing N N 18  
C   "C2'" "O2'"  sing N N 19  
C   "C2'" "C1'"  sing N N 20  
C   "C2'" "H2'"  sing N N 21  
C   "O2'" "HO2'" sing N N 22  
C   "C1'" N1     sing N N 23  
C   "C1'" "H1'"  sing N N 24  
C   N1    C2     sing N N 25  
C   N1    C6     sing N N 26  
C   C2    O2     doub N N 27  
C   C2    N3     sing N N 28  
C   N3    C4     doub N N 29  
C   C4    N4     sing N N 30  
C   C4    C5     sing N N 31  
C   N4    H41    sing N N 32  
C   N4    H42    sing N N 33  
C   C5    C6     doub N N 34  
C   C5    H5     sing N N 35  
C   C6    H6     sing N N 36  
G   OP3   P      sing N N 37  
G   OP3   HOP3   sing N N 38  
G   P     OP1    doub N N 39  
G   P     OP2    sing N N 40  
G   P     "O5'"  sing N N 41  
G   OP2   HOP2   sing N N 42  
G   "O5'" "C5'"  sing N N 43  
G   "C5'" "C4'"  sing N N 44  
G   "C5'" "H5'"  sing N N 45  
G   "C5'" "H5''" sing N N 46  
G   "C4'" "O4'"  sing N N 47  
G   "C4'" "C3'"  sing N N 48  
G   "C4'" "H4'"  sing N N 49  
G   "O4'" "C1'"  sing N N 50  
G   "C3'" "O3'"  sing N N 51  
G   "C3'" "C2'"  sing N N 52  
G   "C3'" "H3'"  sing N N 53  
G   "O3'" "HO3'" sing N N 54  
G   "C2'" "O2'"  sing N N 55  
G   "C2'" "C1'"  sing N N 56  
G   "C2'" "H2'"  sing N N 57  
G   "O2'" "HO2'" sing N N 58  
G   "C1'" N9     sing N N 59  
G   "C1'" "H1'"  sing N N 60  
G   N9    C8     sing Y N 61  
G   N9    C4     sing Y N 62  
G   C8    N7     doub Y N 63  
G   C8    H8     sing N N 64  
G   N7    C5     sing Y N 65  
G   C5    C6     sing N N 66  
G   C5    C4     doub Y N 67  
G   C6    O6     doub N N 68  
G   C6    N1     sing N N 69  
G   N1    C2     sing N N 70  
G   N1    H1     sing N N 71  
G   C2    N2     sing N N 72  
G   C2    N3     doub N N 73  
G   N2    H21    sing N N 74  
G   N2    H22    sing N N 75  
G   N3    C4     sing N N 76  
HOH O     H1     sing N N 77  
HOH O     H2     sing N N 78  
PYY P     O1P    doub N N 79  
PYY P     O2P    sing N N 80  
PYY P     "O5'"  sing N N 81  
PYY P     O3P    sing N N 82  
PYY O2P   HOP2   sing N N 83  
PYY "O5'" "C5'"  sing N N 84  
PYY "C5'" "C4'"  sing N N 85  
PYY "C5'" "H5'1" sing N N 86  
PYY "C5'" "H5'2" sing N N 87  
PYY "C4'" "O4'"  sing N N 88  
PYY "C4'" "C3'"  sing N N 89  
PYY "C4'" "H4'"  sing N N 90  
PYY "O4'" "C1'"  sing N N 91  
PYY "C1'" C1     sing N N 92  
PYY "C1'" "C2'"  sing N N 93  
PYY "C1'" "H1'"  sing N N 94  
PYY C1    C6     doub Y N 95  
PYY C1    C2     sing Y N 96  
PYY C6    C5     sing Y N 97  
PYY C6    H6     sing N N 98  
PYY C2    C3     doub Y N 99  
PYY C2    H2     sing N N 100 
PYY C3    C4     sing Y N 101 
PYY C3    H3     sing N N 102 
PYY C4    C5     doub Y N 103 
PYY C4    H4     sing N N 104 
PYY C5    H5     sing N N 105 
PYY "C2'" "O2'"  sing N N 106 
PYY "C2'" "C3'"  sing N N 107 
PYY "C2'" "H2'"  sing N N 108 
PYY "O2'" "HO'2" sing N N 109 
PYY "C3'" "O3'"  sing N N 110 
PYY "C3'" "H3'"  sing N N 111 
PYY "O3'" H3T    sing N N 112 
PYY O3P   HOP3   sing N N 113 
# 
loop_
_ndb_struct_conf_na.entry_id 
_ndb_struct_conf_na.feature 
1G2J 'a-form double helix'  
1G2J 'mismatched base pair' 
# 
loop_
_ndb_struct_na_base_pair.model_number 
_ndb_struct_na_base_pair.i_label_asym_id 
_ndb_struct_na_base_pair.i_label_comp_id 
_ndb_struct_na_base_pair.i_label_seq_id 
_ndb_struct_na_base_pair.i_symmetry 
_ndb_struct_na_base_pair.j_label_asym_id 
_ndb_struct_na_base_pair.j_label_comp_id 
_ndb_struct_na_base_pair.j_label_seq_id 
_ndb_struct_na_base_pair.j_symmetry 
_ndb_struct_na_base_pair.shear 
_ndb_struct_na_base_pair.stretch 
_ndb_struct_na_base_pair.stagger 
_ndb_struct_na_base_pair.buckle 
_ndb_struct_na_base_pair.propeller 
_ndb_struct_na_base_pair.opening 
_ndb_struct_na_base_pair.pair_number 
_ndb_struct_na_base_pair.pair_name 
_ndb_struct_na_base_pair.i_auth_asym_id 
_ndb_struct_na_base_pair.i_auth_seq_id 
_ndb_struct_na_base_pair.i_PDB_ins_code 
_ndb_struct_na_base_pair.j_auth_asym_id 
_ndb_struct_na_base_pair.j_auth_seq_id 
_ndb_struct_na_base_pair.j_PDB_ins_code 
_ndb_struct_na_base_pair.hbond_type_28 
_ndb_struct_na_base_pair.hbond_type_12 
1 A C 1 1_555 A G 7 12_565 0.210 -0.150 -0.295 15.048 -11.386 -3.413 1 A_C1:G7_A A 1 ? A 7 ? 19 1 
1 A C 2 1_555 A G 6 12_565 0.304 0.015  0.050  4.968  -10.992 5.896  2 A_C2:G6_A A 2 ? A 6 ? 19 1 
1 A C 3 1_555 A G 5 12_565 0.517 -0.187 0.073  4.991  -5.811  -1.767 3 A_C3:G5_A A 3 ? A 5 ? 19 1 
1 A C 1 1_555 A G 7 1_555  0.210 -0.150 -0.295 15.048 -11.386 -3.413 4 A_C1:G7_A A 1 ? A 7 ? 19 1 
1 A C 2 1_555 A G 6 1_555  0.304 0.015  0.050  4.968  -10.992 5.896  5 A_C2:G6_A A 2 ? A 6 ? 19 1 
1 A C 3 1_555 A G 5 1_555  0.517 -0.187 0.073  4.991  -5.811  -1.767 6 A_C3:G5_A A 3 ? A 5 ? 19 1 
# 
loop_
_ndb_struct_na_base_pair_step.model_number 
_ndb_struct_na_base_pair_step.i_label_asym_id_1 
_ndb_struct_na_base_pair_step.i_label_comp_id_1 
_ndb_struct_na_base_pair_step.i_label_seq_id_1 
_ndb_struct_na_base_pair_step.i_symmetry_1 
_ndb_struct_na_base_pair_step.j_label_asym_id_1 
_ndb_struct_na_base_pair_step.j_label_comp_id_1 
_ndb_struct_na_base_pair_step.j_label_seq_id_1 
_ndb_struct_na_base_pair_step.j_symmetry_1 
_ndb_struct_na_base_pair_step.i_label_asym_id_2 
_ndb_struct_na_base_pair_step.i_label_comp_id_2 
_ndb_struct_na_base_pair_step.i_label_seq_id_2 
_ndb_struct_na_base_pair_step.i_symmetry_2 
_ndb_struct_na_base_pair_step.j_label_asym_id_2 
_ndb_struct_na_base_pair_step.j_label_comp_id_2 
_ndb_struct_na_base_pair_step.j_label_seq_id_2 
_ndb_struct_na_base_pair_step.j_symmetry_2 
_ndb_struct_na_base_pair_step.shift 
_ndb_struct_na_base_pair_step.slide 
_ndb_struct_na_base_pair_step.rise 
_ndb_struct_na_base_pair_step.tilt 
_ndb_struct_na_base_pair_step.roll 
_ndb_struct_na_base_pair_step.twist 
_ndb_struct_na_base_pair_step.x_displacement 
_ndb_struct_na_base_pair_step.y_displacement 
_ndb_struct_na_base_pair_step.helical_rise 
_ndb_struct_na_base_pair_step.inclination 
_ndb_struct_na_base_pair_step.tip 
_ndb_struct_na_base_pair_step.helical_twist 
_ndb_struct_na_base_pair_step.step_number 
_ndb_struct_na_base_pair_step.step_name 
_ndb_struct_na_base_pair_step.i_auth_asym_id_1 
_ndb_struct_na_base_pair_step.i_auth_seq_id_1 
_ndb_struct_na_base_pair_step.i_PDB_ins_code_1 
_ndb_struct_na_base_pair_step.j_auth_asym_id_1 
_ndb_struct_na_base_pair_step.j_auth_seq_id_1 
_ndb_struct_na_base_pair_step.j_PDB_ins_code_1 
_ndb_struct_na_base_pair_step.i_auth_asym_id_2 
_ndb_struct_na_base_pair_step.i_auth_seq_id_2 
_ndb_struct_na_base_pair_step.i_PDB_ins_code_2 
_ndb_struct_na_base_pair_step.j_auth_asym_id_2 
_ndb_struct_na_base_pair_step.j_auth_seq_id_2 
_ndb_struct_na_base_pair_step.j_PDB_ins_code_2 
1 A C 1 1_555 A G 7 12_565 A C 2 1_555 A G 6 12_565 -0.039 -2.010 3.483 -2.938 8.564 32.555 -4.835 -0.404 2.870 14.920 5.118  
33.758 1 AA_C1C2:G6G7_AA A 1 ? A 7 ? A 2 ? A 6 ? 
1 A C 2 1_555 A G 6 12_565 A C 3 1_555 A G 5 12_565 -0.291 -2.083 3.234 0.738  8.372 32.716 -4.824 0.610  2.629 14.565 -1.285 
33.750 2 AA_C2C3:G5G6_AA A 2 ? A 6 ? A 3 ? A 5 ? 
1 A C 1 1_555 A G 7 1_555  A C 2 1_555 A G 6 1_555  -0.039 -2.010 3.483 -2.938 8.564 32.555 -4.835 -0.404 2.870 14.920 5.118  
33.758 3 AA_C1C2:G6G7_AA A 1 ? A 7 ? A 2 ? A 6 ? 
1 A C 2 1_555 A G 6 1_555  A C 3 1_555 A G 5 1_555  -0.291 -2.083 3.234 0.738  8.372 32.716 -4.824 0.610  2.629 14.565 -1.285 
33.750 4 AA_C2C3:G5G6_AA A 2 ? A 6 ? A 3 ? A 5 ? 
# 
_pdbx_initial_refinement_model.accession_code   ? 
_pdbx_initial_refinement_model.id               1 
_pdbx_initial_refinement_model.entity_id_list   ? 
_pdbx_initial_refinement_model.type             'in silico model' 
_pdbx_initial_refinement_model.source_name      Other 
_pdbx_initial_refinement_model.details          'RNA tetramer duplex' 
# 
_atom_sites.entry_id                    1G2J 
_atom_sites.fract_transf_matrix[1][1]   -0.03220550 
_atom_sites.fract_transf_matrix[1][2]   -0.03287189 
_atom_sites.fract_transf_matrix[1][3]   0.01176214 
_atom_sites.fract_transf_matrix[2][1]   -0.01251774 
_atom_sites.fract_transf_matrix[2][2]   -0.00578891 
_atom_sites.fract_transf_matrix[2][3]   0.04545272 
_atom_sites.fract_transf_matrix[3][1]   -0.00589570 
_atom_sites.fract_transf_matrix[3][2]   0.00544326 
_atom_sites.fract_transf_matrix[3][3]   -0.00093042 
_atom_sites.fract_transf_vector[1]      -0.035573 
_atom_sites.fract_transf_vector[2]      0.549790 
_atom_sites.fract_transf_vector[3]      0.052823 
# 
loop_
_atom_type.symbol 
C  
CA 
N  
O  
P  
# 
loop_
_atom_site.group_PDB 
_atom_site.id 
_atom_site.type_symbol 
_atom_site.label_atom_id 
_atom_site.label_alt_id 
_atom_site.label_comp_id 
_atom_site.label_asym_id 
_atom_site.label_entity_id 
_atom_site.label_seq_id 
_atom_site.pdbx_PDB_ins_code 
_atom_site.Cartn_x 
_atom_site.Cartn_y 
_atom_site.Cartn_z 
_atom_site.occupancy 
_atom_site.B_iso_or_equiv 
_atom_site.pdbx_formal_charge 
_atom_site.auth_seq_id 
_atom_site.auth_comp_id 
_atom_site.auth_asym_id 
_atom_site.auth_atom_id 
_atom_site.pdbx_PDB_model_num 
ATOM   1   O  "O5'" . C   A 1 1 ? -12.943 -3.802  -6.051  1.00 71.01 ? 1  C   A "O5'" 1 
ATOM   2   C  "C5'" . C   A 1 1 ? -13.220 -4.946  -6.882  1.00 65.37 ? 1  C   A "C5'" 1 
ATOM   3   C  "C4'" . C   A 1 1 ? -12.729 -4.882  -8.318  1.00 62.70 ? 1  C   A "C4'" 1 
ATOM   4   O  "O4'" . C   A 1 1 ? -13.312 -3.744  -9.005  1.00 63.24 ? 1  C   A "O4'" 1 
ATOM   5   C  "C3'" . C   A 1 1 ? -11.236 -4.736  -8.549  1.00 59.61 ? 1  C   A "C3'" 1 
ATOM   6   O  "O3'" . C   A 1 1 ? -10.613 -5.985  -8.490  1.00 55.75 ? 1  C   A "O3'" 1 
ATOM   7   C  "C2'" . C   A 1 1 ? -11.174 -4.145  -9.951  1.00 60.60 ? 1  C   A "C2'" 1 
ATOM   8   O  "O2'" . C   A 1 1 ? -11.394 -5.121  -10.969 1.00 61.45 ? 1  C   A "O2'" 1 
ATOM   9   C  "C1'" . C   A 1 1 ? -12.366 -3.189  -9.912  1.00 59.75 ? 1  C   A "C1'" 1 
ATOM   10  N  N1    . C   A 1 1 ? -12.014 -1.854  -9.395  1.00 56.14 ? 1  C   A N1    1 
ATOM   11  C  C2    . C   A 1 1 ? -11.267 -0.976  -10.184 1.00 54.98 ? 1  C   A C2    1 
ATOM   12  O  O2    . C   A 1 1 ? -10.902 -1.338  -11.327 1.00 53.34 ? 1  C   A O2    1 
ATOM   13  N  N3    . C   A 1 1 ? -10.970 0.249   -9.686  1.00 53.39 ? 1  C   A N3    1 
ATOM   14  C  C4    . C   A 1 1 ? -11.397 0.599   -8.466  1.00 54.90 ? 1  C   A C4    1 
ATOM   15  N  N4    . C   A 1 1 ? -11.103 1.814   -8.015  1.00 56.07 ? 1  C   A N4    1 
ATOM   16  C  C5    . C   A 1 1 ? -12.146 -0.278  -7.653  1.00 55.18 ? 1  C   A C5    1 
ATOM   17  C  C6    . C   A 1 1 ? -12.425 -1.481  -8.147  1.00 55.50 ? 1  C   A C6    1 
ATOM   18  P  P     . C   A 1 2 ? -9.297  -6.161  -7.604  1.00 56.02 ? 2  C   A P     1 
ATOM   19  O  OP1   . C   A 1 2 ? -9.125  -7.628  -7.380  1.00 57.13 ? 2  C   A OP1   1 
ATOM   20  O  OP2   . C   A 1 2 ? -9.385  -5.233  -6.426  1.00 49.30 ? 2  C   A OP2   1 
ATOM   21  O  "O5'" . C   A 1 2 ? -8.137  -5.650  -8.581  1.00 57.78 ? 2  C   A "O5'" 1 
ATOM   22  C  "C5'" . C   A 1 2 ? -7.956  -6.201  -9.908  1.00 51.64 ? 2  C   A "C5'" 1 
ATOM   23  C  "C4'" . C   A 1 2 ? -6.944  -5.373  -10.677 1.00 51.03 ? 2  C   A "C4'" 1 
ATOM   24  O  "O4'" . C   A 1 2 ? -7.551  -4.129  -11.129 1.00 49.72 ? 2  C   A "O4'" 1 
ATOM   25  C  "C3'" . C   A 1 2 ? -5.719  -4.927  -9.888  1.00 49.54 ? 2  C   A "C3'" 1 
ATOM   26  O  "O3'" . C   A 1 2 ? -4.714  -5.943  -9.750  1.00 52.85 ? 2  C   A "O3'" 1 
ATOM   27  C  "C2'" . C   A 1 2 ? -5.260  -3.705  -10.680 1.00 48.84 ? 2  C   A "C2'" 1 
ATOM   28  O  "O2'" . C   A 1 2 ? -4.516  -4.037  -11.842 1.00 47.19 ? 2  C   A "O2'" 1 
ATOM   29  C  "C1'" . C   A 1 2 ? -6.597  -3.081  -11.083 1.00 48.37 ? 2  C   A "C1'" 1 
ATOM   30  N  N1    . C   A 1 2 ? -7.048  -2.083  -10.087 1.00 46.30 ? 2  C   A N1    1 
ATOM   31  C  C2    . C   A 1 2 ? -6.467  -0.798  -10.092 1.00 45.82 ? 2  C   A C2    1 
ATOM   32  O  O2    . C   A 1 2 ? -5.671  -0.497  -10.980 1.00 44.78 ? 2  C   A O2    1 
ATOM   33  N  N3    . C   A 1 2 ? -6.798  0.080   -9.129  1.00 44.78 ? 2  C   A N3    1 
ATOM   34  C  C4    . C   A 1 2 ? -7.675  -0.265  -8.186  1.00 44.78 ? 2  C   A C4    1 
ATOM   35  N  N4    . C   A 1 2 ? -7.919  0.619   -7.225  1.00 45.59 ? 2  C   A N4    1 
ATOM   36  C  C5    . C   A 1 2 ? -8.324  -1.538  -8.183  1.00 44.68 ? 2  C   A C5    1 
ATOM   37  C  C6    . C   A 1 2 ? -7.987  -2.406  -9.147  1.00 44.34 ? 2  C   A C6    1 
ATOM   38  P  P     . C   A 1 3 ? -3.798  -5.989  -8.413  1.00 52.98 ? 3  C   A P     1 
ATOM   39  O  OP1   . C   A 1 3 ? -2.967  -7.221  -8.430  1.00 56.94 ? 3  C   A OP1   1 
ATOM   40  O  OP2   . C   A 1 3 ? -4.633  -5.693  -7.219  1.00 57.12 ? 3  C   A OP2   1 
ATOM   41  O  "O5'" . C   A 1 3 ? -2.789  -4.770  -8.604  1.00 49.61 ? 3  C   A "O5'" 1 
ATOM   42  C  "C5'" . C   A 1 3 ? -1.856  -4.779  -9.672  1.00 40.71 ? 3  C   A "C5'" 1 
ATOM   43  C  "C4'" . C   A 1 3 ? -1.066  -3.518  -9.656  1.00 38.49 ? 3  C   A "C4'" 1 
ATOM   44  O  "O4'" . C   A 1 3 ? -1.951  -2.414  -9.915  1.00 37.45 ? 3  C   A "O4'" 1 
ATOM   45  C  "C3'" . C   A 1 3 ? -0.436  -3.132  -8.337  1.00 38.93 ? 3  C   A "C3'" 1 
ATOM   46  O  "O3'" . C   A 1 3 ? 0.774   -3.800  -8.064  1.00 45.48 ? 3  C   A "O3'" 1 
ATOM   47  C  "C2'" . C   A 1 3 ? -0.189  -1.656  -8.548  1.00 38.54 ? 3  C   A "C2'" 1 
ATOM   48  O  "O2'" . C   A 1 3 ? 0.915   -1.439  -9.409  1.00 38.45 ? 3  C   A "O2'" 1 
ATOM   49  C  "C1'" . C   A 1 3 ? -1.465  -1.256  -9.265  1.00 36.59 ? 3  C   A "C1'" 1 
ATOM   50  N  N1    . C   A 1 3 ? -2.471  -0.775  -8.305  1.00 36.34 ? 3  C   A N1    1 
ATOM   51  C  C2    . C   A 1 3 ? -2.380  0.543   -7.839  1.00 36.71 ? 3  C   A C2    1 
ATOM   52  O  O2    . C   A 1 3 ? -1.481  1.277   -8.277  1.00 39.00 ? 3  C   A O2    1 
ATOM   53  N  N3    . C   A 1 3 ? -3.268  0.987   -6.935  1.00 36.65 ? 3  C   A N3    1 
ATOM   54  C  C4    . C   A 1 3 ? -4.227  0.179   -6.501  1.00 36.96 ? 3  C   A C4    1 
ATOM   55  N  N4    . C   A 1 3 ? -5.066  0.655   -5.589  1.00 39.81 ? 3  C   A N4    1 
ATOM   56  C  C5    . C   A 1 3 ? -4.366  -1.150  -6.975  1.00 36.90 ? 3  C   A C5    1 
ATOM   57  C  C6    . C   A 1 3 ? -3.472  -1.587  -7.866  1.00 36.71 ? 3  C   A C6    1 
HETATM 58  P  P     . PYY A 1 4 ? 1.233   -3.995  -6.537  1.00 45.49 ? 4  PYY A P     1 
HETATM 59  O  O1P   . PYY A 1 4 ? 2.244   -5.086  -6.500  1.00 49.15 ? 4  PYY A O1P   1 
HETATM 60  O  O2P   . PYY A 1 4 ? -0.009  -4.110  -5.716  1.00 50.49 ? 4  PYY A O2P   1 
HETATM 61  O  "O5'" . PYY A 1 4 ? 1.944   -2.614  -6.147  1.00 53.56 ? 4  PYY A "O5'" 1 
HETATM 62  C  "C5'" . PYY A 1 4 ? 3.142   -2.182  -6.821  1.00 53.22 ? 4  PYY A "C5'" 1 
HETATM 63  C  "C4'" . PYY A 1 4 ? 3.273   -0.661  -6.825  1.00 54.20 ? 4  PYY A "C4'" 1 
HETATM 64  O  "O4'" . PYY A 1 4 ? 2.016   -0.003  -7.149  1.00 51.81 ? 4  PYY A "O4'" 1 
HETATM 65  C  "C1'" . PYY A 1 4 ? 1.982   1.282   -6.543  1.00 51.85 ? 4  PYY A "C1'" 1 
HETATM 66  C  C1    . PYY A 1 4 ? 0.893   1.417   -5.511  1.00 50.11 ? 4  PYY A C1    1 
HETATM 67  C  C6    . PYY A 1 4 ? 0.095   0.329   -5.185  1.00 49.00 ? 4  PYY A C6    1 
HETATM 68  C  C2    . PYY A 1 4 ? 0.684   2.632   -4.876  1.00 49.24 ? 4  PYY A C2    1 
HETATM 69  C  C3    . PYY A 1 4 ? -0.324  2.766   -3.923  1.00 49.22 ? 4  PYY A C3    1 
HETATM 70  C  C4    . PYY A 1 4 ? -1.117  1.679   -3.610  1.00 48.12 ? 4  PYY A C4    1 
HETATM 71  C  C5    . PYY A 1 4 ? -0.901  0.448   -4.250  1.00 48.56 ? 4  PYY A C5    1 
HETATM 72  C  "C2'" . PYY A 1 4 ? 3.311   1.481   -5.830  1.00 55.15 ? 4  PYY A "C2'" 1 
HETATM 73  O  "O2'" . PYY A 1 4 ? 4.218   2.179   -6.676  1.00 56.55 ? 4  PYY A "O2'" 1 
HETATM 74  C  "C3'" . PYY A 1 4 ? 3.717   0.038   -5.556  1.00 53.69 ? 4  PYY A "C3'" 1 
HETATM 75  O  "O3'" . PYY A 1 4 ? 5.105   -0.062  -5.346  1.00 53.85 ? 4  PYY A "O3'" 1 
ATOM   76  P  P     . G   A 1 5 ? 5.643   -0.407  -3.876  1.00 57.14 ? 5  G   A P     1 
ATOM   77  O  OP1   . G   A 1 5 ? 7.037   -0.970  -4.045  1.00 57.88 ? 5  G   A OP1   1 
ATOM   78  O  OP2   . G   A 1 5 ? 4.570   -1.251  -3.247  1.00 60.85 ? 5  G   A OP2   1 
ATOM   79  O  "O5'" . G   A 1 5 ? 5.653   1.007   -3.117  1.00 51.82 ? 5  G   A "O5'" 1 
ATOM   80  C  "C5'" . G   A 1 5 ? 6.329   2.151   -3.673  1.00 46.08 ? 5  G   A "C5'" 1 
ATOM   81  C  "C4'" . G   A 1 5 ? 5.797   3.434   -3.075  1.00 45.75 ? 5  G   A "C4'" 1 
ATOM   82  O  "O4'" . G   A 1 5 ? 4.417   3.660   -3.482  1.00 46.49 ? 5  G   A "O4'" 1 
ATOM   83  C  "C3'" . G   A 1 5 ? 5.747   3.521   -1.561  1.00 46.21 ? 5  G   A "C3'" 1 
ATOM   84  O  "O3'" . G   A 1 5 ? 6.990   3.827   -0.951  1.00 44.81 ? 5  G   A "O3'" 1 
ATOM   85  C  "C2'" . G   A 1 5 ? 4.738   4.637   -1.357  1.00 47.79 ? 5  G   A "C2'" 1 
ATOM   86  O  "O2'" . G   A 1 5 ? 5.321   5.909   -1.583  1.00 53.78 ? 5  G   A "O2'" 1 
ATOM   87  C  "C1'" . G   A 1 5 ? 3.714   4.318   -2.445  1.00 45.03 ? 5  G   A "C1'" 1 
ATOM   88  N  N9    . G   A 1 5 ? 2.743   3.385   -1.881  1.00 43.63 ? 5  G   A N9    1 
ATOM   89  C  C8    . G   A 1 5 ? 2.586   2.060   -2.188  1.00 42.87 ? 5  G   A C8    1 
ATOM   90  N  N7    . G   A 1 5 ? 1.677   1.470   -1.459  1.00 43.89 ? 5  G   A N7    1 
ATOM   91  C  C5    . G   A 1 5 ? 1.182   2.477   -0.638  1.00 41.93 ? 5  G   A C5    1 
ATOM   92  C  C6    . G   A 1 5 ? 0.164   2.442   0.359   1.00 42.01 ? 5  G   A C6    1 
ATOM   93  O  O6    . G   A 1 5 ? -0.533  1.489   0.707   1.00 43.17 ? 5  G   A O6    1 
ATOM   94  N  N1    . G   A 1 5 ? -0.005  3.683   0.972   1.00 41.77 ? 5  G   A N1    1 
ATOM   95  C  C2    . G   A 1 5 ? 0.714   4.817   0.663   1.00 44.52 ? 5  G   A C2    1 
ATOM   96  N  N2    . G   A 1 5 ? 0.442   5.933   1.375   1.00 44.90 ? 5  G   A N2    1 
ATOM   97  N  N3    . G   A 1 5 ? 1.646   4.861   -0.278  1.00 45.17 ? 5  G   A N3    1 
ATOM   98  C  C4    . G   A 1 5 ? 1.826   3.663   -0.883  1.00 43.50 ? 5  G   A C4    1 
ATOM   99  P  P     . G   A 1 6 ? 7.350   3.162   0.462   1.00 43.54 ? 6  G   A P     1 
ATOM   100 O  OP1   . G   A 1 6 ? 8.782   3.388   0.682   1.00 46.23 ? 6  G   A OP1   1 
ATOM   101 O  OP2   . G   A 1 6 ? 6.813   1.779   0.536   1.00 41.89 ? 6  G   A OP2   1 
ATOM   102 O  "O5'" . G   A 1 6 ? 6.537   4.054   1.502   1.00 45.65 ? 6  G   A "O5'" 1 
ATOM   103 C  "C5'" . G   A 1 6 ? 6.684   5.487   1.520   1.00 44.31 ? 6  G   A "C5'" 1 
ATOM   104 C  "C4'" . G   A 1 6 ? 5.780   6.087   2.565   1.00 44.09 ? 6  G   A "C4'" 1 
ATOM   105 O  "O4'" . G   A 1 6 ? 4.403   6.005   2.105   1.00 46.93 ? 6  G   A "O4'" 1 
ATOM   106 C  "C3'" . G   A 1 6 ? 5.748   5.375   3.912   1.00 45.08 ? 6  G   A "C3'" 1 
ATOM   107 O  "O3'" . G   A 1 6 ? 6.844   5.638   4.772   1.00 46.88 ? 6  G   A "O3'" 1 
ATOM   108 C  "C2'" . G   A 1 6 ? 4.401   5.810   4.467   1.00 44.12 ? 6  G   A "C2'" 1 
ATOM   109 O  "O2'" . G   A 1 6 ? 4.394   7.152   4.908   1.00 43.50 ? 6  G   A "O2'" 1 
ATOM   110 C  "C1'" . G   A 1 6 ? 3.546   5.726   3.210   1.00 46.22 ? 6  G   A "C1'" 1 
ATOM   111 N  N9    . G   A 1 6 ? 3.049   4.358   3.086   1.00 44.01 ? 6  G   A N9    1 
ATOM   112 C  C8    . G   A 1 6 ? 3.483   3.375   2.224   1.00 42.25 ? 6  G   A C8    1 
ATOM   113 N  N7    . G   A 1 6 ? 2.832   2.253   2.359   1.00 41.96 ? 6  G   A N7    1 
ATOM   114 C  C5    . G   A 1 6 ? 1.911   2.513   3.366   1.00 41.93 ? 6  G   A C5    1 
ATOM   115 C  C6    . G   A 1 6 ? 0.887   1.678   3.935   1.00 43.08 ? 6  G   A C6    1 
ATOM   116 O  O6    . G   A 1 6 ? 0.588   0.494   3.655   1.00 43.29 ? 6  G   A O6    1 
ATOM   117 N  N1    . G   A 1 6 ? 0.175   2.362   4.921   1.00 43.28 ? 6  G   A N1    1 
ATOM   118 C  C2    . G   A 1 6 ? 0.407   3.668   5.303   1.00 42.11 ? 6  G   A C2    1 
ATOM   119 N  N2    . G   A 1 6 ? -0.388  4.146   6.260   1.00 40.42 ? 6  G   A N2    1 
ATOM   120 N  N3    . G   A 1 6 ? 1.346   4.441   4.784   1.00 41.01 ? 6  G   A N3    1 
ATOM   121 C  C4    . G   A 1 6 ? 2.048   3.806   3.830   1.00 41.01 ? 6  G   A C4    1 
ATOM   122 P  P     . G   A 1 7 ? 7.432   4.442   5.686   1.00 47.81 ? 7  G   A P     1 
ATOM   123 O  OP1   . G   A 1 7 ? 8.639   4.972   6.390   1.00 51.55 ? 7  G   A OP1   1 
ATOM   124 O  OP2   . G   A 1 7 ? 7.525   3.188   4.896   1.00 46.43 ? 7  G   A OP2   1 
ATOM   125 O  "O5'" . G   A 1 7 ? 6.337   4.249   6.810   1.00 42.77 ? 7  G   A "O5'" 1 
ATOM   126 C  "C5'" . G   A 1 7 ? 5.980   5.369   7.598   1.00 45.06 ? 7  G   A "C5'" 1 
ATOM   127 C  "C4'" . G   A 1 7 ? 4.894   5.015   8.554   1.00 42.60 ? 7  G   A "C4'" 1 
ATOM   128 O  "O4'" . G   A 1 7 ? 3.648   4.836   7.839   1.00 44.62 ? 7  G   A "O4'" 1 
ATOM   129 C  "C3'" . G   A 1 7 ? 5.063   3.719   9.315   1.00 43.89 ? 7  G   A "C3'" 1 
ATOM   130 O  "O3'" . G   A 1 7 ? 5.962   3.800   10.404  1.00 43.72 ? 7  G   A "O3'" 1 
ATOM   131 C  "C2'" . G   A 1 7 ? 3.645   3.473   9.777   1.00 43.51 ? 7  G   A "C2'" 1 
ATOM   132 O  "O2'" . G   A 1 7 ? 3.385   4.310   10.885  1.00 48.04 ? 7  G   A "O2'" 1 
ATOM   133 C  "C1'" . G   A 1 7 ? 2.853   3.897   8.534   1.00 44.16 ? 7  G   A "C1'" 1 
ATOM   134 N  N9    . G   A 1 7 ? 2.667   2.715   7.690   1.00 43.61 ? 7  G   A N9    1 
ATOM   135 C  C8    . G   A 1 7 ? 3.409   2.308   6.596   1.00 42.37 ? 7  G   A C8    1 
ATOM   136 N  N7    . G   A 1 7 ? 3.092   1.111   6.182   1.00 40.48 ? 7  G   A N7    1 
ATOM   137 C  C5    . G   A 1 7 ? 2.042   0.727   7.014   1.00 41.51 ? 7  G   A C5    1 
ATOM   138 C  C6    . G   A 1 7 ? 1.288   -0.473  7.059   1.00 42.97 ? 7  G   A C6    1 
ATOM   139 O  O6    . G   A 1 7 ? 1.377   -1.466  6.313   1.00 44.03 ? 7  G   A O6    1 
ATOM   140 N  N1    . G   A 1 7 ? 0.345   -0.448  8.098   1.00 41.47 ? 7  G   A N1    1 
ATOM   141 C  C2    . G   A 1 7 ? 0.140   0.606   8.966   1.00 38.58 ? 7  G   A C2    1 
ATOM   142 N  N2    . G   A 1 7 ? -0.782  0.445   9.906   1.00 37.81 ? 7  G   A N2    1 
ATOM   143 N  N3    . G   A 1 7 ? 0.808   1.731   8.913   1.00 39.67 ? 7  G   A N3    1 
ATOM   144 C  C4    . G   A 1 7 ? 1.749   1.722   7.927   1.00 41.85 ? 7  G   A C4    1 
ATOM   145 P  P     . G   A 1 8 ? 6.895   2.534   10.740  1.00 41.27 ? 8  G   A P     1 
ATOM   146 O  OP1   . G   A 1 8 ? 7.833   2.940   11.819  1.00 44.21 ? 8  G   A OP1   1 
ATOM   147 O  OP2   . G   A 1 8 ? 7.457   2.002   9.454   1.00 40.48 ? 8  G   A OP2   1 
ATOM   148 O  "O5'" . G   A 1 8 ? 5.858   1.502   11.376  1.00 39.72 ? 8  G   A "O5'" 1 
ATOM   149 C  "C5'" . G   A 1 8 ? 5.108   1.864   12.543  1.00 36.09 ? 8  G   A "C5'" 1 
ATOM   150 C  "C4'" . G   A 1 8 ? 4.098   0.800   12.868  1.00 34.85 ? 8  G   A "C4'" 1 
ATOM   151 O  "O4'" . G   A 1 8 ? 3.173   0.648   11.780  1.00 38.24 ? 8  G   A "O4'" 1 
ATOM   152 C  "C3'" . G   A 1 8 ? 4.607   -0.605  13.090  1.00 35.37 ? 8  G   A "C3'" 1 
ATOM   153 O  "O3'" . G   A 1 8 ? 5.264   -0.834  14.303  1.00 42.35 ? 8  G   A "O3'" 1 
ATOM   154 C  "C2'" . G   A 1 8 ? 3.359   -1.441  12.898  1.00 38.18 ? 8  G   A "C2'" 1 
ATOM   155 O  "O2'" . G   A 1 8 ? 2.520   -1.413  14.031  1.00 44.18 ? 8  G   A "O2'" 1 
ATOM   156 C  "C1'" . G   A 1 8 ? 2.667   -0.673  11.781  1.00 38.64 ? 8  G   A "C1'" 1 
ATOM   157 N  N9    . G   A 1 8 ? 2.983   -1.287  10.505  1.00 40.36 ? 8  G   A N9    1 
ATOM   158 C  C8    . G   A 1 8 ? 3.915   -0.873  9.590   1.00 41.20 ? 8  G   A C8    1 
ATOM   159 N  N7    . G   A 1 8 ? 4.009   -1.668  8.560   1.00 41.98 ? 8  G   A N7    1 
ATOM   160 C  C5    . G   A 1 8 ? 3.067   -2.661  8.807   1.00 42.51 ? 8  G   A C5    1 
ATOM   161 C  C6    . G   A 1 8 ? 2.721   -3.820  8.044   1.00 43.12 ? 8  G   A C6    1 
ATOM   162 O  O6    . G   A 1 8 ? 3.202   -4.205  6.964   1.00 45.17 ? 8  G   A O6    1 
ATOM   163 N  N1    . G   A 1 8 ? 1.715   -4.567  8.671   1.00 42.76 ? 8  G   A N1    1 
ATOM   164 C  C2    . G   A 1 8 ? 1.128   -4.251  9.882   1.00 43.83 ? 8  G   A C2    1 
ATOM   165 N  N2    . G   A 1 8 ? 0.200   -5.116  10.342  1.00 45.82 ? 8  G   A N2    1 
ATOM   166 N  N3    . G   A 1 8 ? 1.441   -3.170  10.598  1.00 43.99 ? 8  G   A N3    1 
ATOM   167 C  C4    . G   A 1 8 ? 2.416   -2.428  10.001  1.00 42.72 ? 8  G   A C4    1 
HETATM 168 CA CA    . CA  B 2 . ? 3.947   -1.225  16.128  1.00 46.13 ? 9  CA  A CA    1 
HETATM 169 CA CA    . CA  C 2 . ? 9.853   3.189   13.026  0.50 46.62 ? 14 CA  A CA    1 
HETATM 170 O  O     . HOH D 3 . ? 4.102   -3.503  15.329  1.00 45.61 ? 10 HOH A O     1 
HETATM 171 O  O     . HOH D 3 . ? 3.869   -2.013  18.321  1.00 54.06 ? 11 HOH A O     1 
HETATM 172 O  O     . HOH D 3 . ? 1.421   -1.474  16.661  1.00 51.95 ? 12 HOH A O     1 
HETATM 173 O  O     . HOH D 3 . ? 6.223   -1.645  16.967  1.00 44.14 ? 13 HOH A O     1 
HETATM 174 O  O     . HOH D 3 . ? 9.941   5.782   12.474  1.00 59.55 ? 15 HOH A O     1 
HETATM 175 O  O     . HOH D 3 . ? 11.119  2.915   11.159  1.00 53.76 ? 16 HOH A O     1 
HETATM 176 O  O     . HOH D 3 . ? -0.067  -7.023  7.339   1.00 50.90 ? 17 HOH A O     1 
HETATM 177 O  O     . HOH D 3 . ? 1.382   7.404   6.461   1.00 57.26 ? 18 HOH A O     1 
HETATM 178 O  O     . HOH D 3 . ? 6.423   0.669   3.159   1.00 47.65 ? 19 HOH A O     1 
HETATM 179 O  O     . HOH D 3 . ? -10.488 -7.828  -9.861  1.00 53.93 ? 20 HOH A O     1 
HETATM 180 O  O     . HOH D 3 . ? -3.886  -8.693  -10.423 1.00 60.11 ? 21 HOH A O     1 
HETATM 181 O  O     . HOH D 3 . ? 0.595   -2.878  13.126  1.00 43.99 ? 22 HOH A O     1 
HETATM 182 O  O     . HOH D 3 . ? 1.288   7.277   -2.512  1.00 55.17 ? 23 HOH A O     1 
HETATM 183 O  O     . HOH D 3 . ? -5.048  -0.556  -14.009 1.00 51.11 ? 24 HOH A O     1 
HETATM 184 O  O     . HOH D 3 . ? 10.028  2.000   8.890   1.00 36.92 ? 25 HOH A O     1 
HETATM 185 O  O     A HOH D 3 . ? 3.567   -2.481  2.579   0.65 38.48 ? 26 HOH A O     1 
HETATM 186 O  O     B HOH D 3 . ? 2.361   -1.838  3.951   0.35 33.59 ? 26 HOH A O     1 
HETATM 187 O  O     . HOH D 3 . ? -6.708  0.865   -1.677  0.50 65.02 ? 27 HOH A O     1 
HETATM 188 O  O     A HOH D 3 . ? 2.853   -5.837  3.986   0.50 39.93 ? 28 HOH A O     1 
HETATM 189 O  O     B HOH D 3 . ? 2.141   -7.650  2.571   0.50 47.29 ? 28 HOH A O     1 
HETATM 190 O  O     . HOH D 3 . ? 8.831   6.429   10.470  0.50 33.60 ? 29 HOH A O     1 
HETATM 191 O  O     . HOH D 3 . ? -5.917  -3.004  -2.340  0.50 37.00 ? 30 HOH A O     1 
HETATM 192 O  O     A HOH D 3 . ? -8.623  0.567   -3.823  0.50 50.24 ? 31 HOH A O     1 
HETATM 193 O  O     B HOH D 3 . ? -6.976  -0.987  -4.111  0.50 36.56 ? 31 HOH A O     1 
HETATM 194 O  O     . HOH D 3 . ? 3.860   -4.366  -2.465  0.50 40.84 ? 32 HOH A O     1 
HETATM 195 O  O     . HOH D 3 . ? 9.209   -2.093  -1.770  0.50 74.29 ? 33 HOH A O     1 
HETATM 196 O  O     . HOH D 3 . ? 0.560   9.957   6.074   0.50 42.97 ? 34 HOH A O     1 
HETATM 197 O  O     . HOH D 3 . ? 10.871  4.644   7.757   0.50 41.46 ? 35 HOH A O     1 
HETATM 198 O  O     . HOH D 3 . ? -1.019  -4.821  12.953  0.50 38.55 ? 36 HOH A O     1 
HETATM 199 O  O     A HOH D 3 . ? -15.911 -2.299  -5.417  0.50 38.41 ? 37 HOH A O     1 
HETATM 200 O  O     B HOH D 3 . ? -16.080 -1.219  -6.994  0.50 35.19 ? 37 HOH A O     1 
HETATM 201 O  O     . HOH D 3 . ? 4.214   7.172   12.296  0.50 45.87 ? 38 HOH A O     1 
HETATM 202 O  O     A HOH D 3 . ? -3.271  -9.730  -7.625  0.30 19.89 ? 39 HOH A O     1 
HETATM 203 O  O     B HOH D 3 . ? -5.321  -10.093 -7.653  0.30 39.99 ? 39 HOH A O     1 
HETATM 204 O  O     C HOH D 3 . ? -1.829  -10.798 -7.798  0.40 28.55 ? 39 HOH A O     1 
HETATM 205 O  O     . HOH D 3 . ? -3.114  -1.357  -4.250  0.50 44.43 ? 40 HOH A O     1 
HETATM 206 O  O     . HOH D 3 . ? 2.236   10.252  3.126   0.50 40.49 ? 41 HOH A O     1 
HETATM 207 O  O     . HOH D 3 . ? 4.667   -0.469  4.407   0.50 34.63 ? 42 HOH A O     1 
HETATM 208 O  O     . HOH D 3 . ? -3.320  -4.088  -4.758  0.50 34.10 ? 43 HOH A O     1 
HETATM 209 O  O     . HOH D 3 . ? -6.697  -8.430  -5.257  0.50 43.47 ? 44 HOH A O     1 
HETATM 210 O  O     A HOH D 3 . ? 6.498   5.175   13.646  0.40 30.91 ? 45 HOH A O     1 
HETATM 211 O  O     B HOH D 3 . ? 6.395   6.963   13.083  0.60 37.82 ? 45 HOH A O     1 
HETATM 212 O  O     A HOH D 3 . ? 3.720   5.283   -5.903  0.50 25.47 ? 46 HOH A O     1 
HETATM 213 O  O     B HOH D 3 . ? 1.876   8.065   -0.016  0.50 45.54 ? 46 HOH A O     1 
HETATM 214 O  O     . HOH D 3 . ? -13.942 -5.838  -10.170 0.50 52.33 ? 47 HOH A O     1 
# 
